data_7HBJ
#
_entry.id   7HBJ
#
_cell.length_a   69.838
_cell.length_b   88.675
_cell.length_c   96.750
_cell.angle_alpha   90.000
_cell.angle_beta   90.000
_cell.angle_gamma   90.000
#
_symmetry.space_group_name_H-M   'I 2 2 2'
#
loop_
_entity.id
_entity.type
_entity.pdbx_description
1 polymer 'Heat shock protein HSP 90-alpha'
2 non-polymer 6-(4-chloro-3-methylphenoxy)pyridin-3-amine
3 water water
#
_entity_poly.entity_id   1
_entity_poly.type   'polypeptide(L)'
_entity_poly.pdbx_seq_one_letter_code
;MDQPMEEEEVETFAFQAEIAQLMSLIINTFYSNKEIFLRELISNSSDALDKIRYESLTDPSKLDSGKELHINLIPNKQDR
TLTIVDTGIGMTKADLINNLGTIAKSGTKAFMEALQAGADISMIGQFGVGFYSAYLVAEKVTVITKHNDDEQYAWESSAG
GSFTVRTDTGEPMGRGTKVILHLKEDQTEYLEERRIKEIVKKHSQFIGYPITLFVEKERDKEVSDDEAELEHHHHHH
;
_entity_poly.pdbx_strand_id   A
#
loop_
_chem_comp.id
_chem_comp.type
_chem_comp.name
_chem_comp.formula
A1AYE non-polymer 6-(4-chloro-3-methylphenoxy)pyridin-3-amine 'C12 H11 Cl N2 O'
#
# COMPACT_ATOMS: atom_id res chain seq x y z
N GLU A 9 -9.56 -15.56 -14.82
CA GLU A 9 -10.08 -14.44 -15.59
C GLU A 9 -9.52 -13.12 -15.04
N VAL A 10 -8.65 -12.48 -15.82
CA VAL A 10 -7.96 -11.26 -15.41
C VAL A 10 -8.41 -10.12 -16.30
N GLU A 11 -8.80 -9.01 -15.68
CA GLU A 11 -9.18 -7.79 -16.39
C GLU A 11 -8.04 -6.78 -16.28
N THR A 12 -7.62 -6.23 -17.43
CA THR A 12 -6.58 -5.23 -17.48
C THR A 12 -7.18 -3.86 -17.76
N PHE A 13 -6.80 -2.86 -16.95
CA PHE A 13 -7.29 -1.51 -17.09
C PHE A 13 -6.14 -0.54 -17.24
N ALA A 14 -6.41 0.60 -17.86
CA ALA A 14 -5.42 1.64 -18.05
C ALA A 14 -5.46 2.65 -16.90
N PHE A 15 -4.29 3.03 -16.43
CA PHE A 15 -4.15 4.08 -15.43
C PHE A 15 -4.71 5.40 -15.98
N GLN A 16 -5.22 6.24 -15.08
CA GLN A 16 -5.51 7.61 -15.48
C GLN A 16 -4.21 8.34 -15.74
N ALA A 17 -4.20 9.17 -16.79
CA ALA A 17 -2.96 9.72 -17.32
C ALA A 17 -2.16 10.44 -16.24
N GLU A 18 -2.83 11.19 -15.38
CA GLU A 18 -2.14 11.86 -14.28
C GLU A 18 -1.49 10.85 -13.35
N ILE A 19 -2.24 9.82 -12.97
CA ILE A 19 -1.71 8.84 -12.02
C ILE A 19 -0.62 8.00 -12.67
N ALA A 20 -0.77 7.66 -13.95
CA ALA A 20 0.30 7.01 -14.68
C ALA A 20 1.53 7.89 -14.76
N GLN A 21 1.34 9.20 -14.92
CA GLN A 21 2.45 10.13 -14.98
C GLN A 21 3.22 10.18 -13.66
N LEU A 22 2.52 9.99 -12.53
CA LEU A 22 3.19 10.07 -11.24
C LEU A 22 4.13 8.88 -11.00
N MET A 23 3.68 7.67 -11.34
CA MET A 23 4.51 6.50 -11.09
C MET A 23 5.72 6.44 -12.02
N SER A 24 5.59 6.95 -13.25
CA SER A 24 6.78 7.10 -14.08
C SER A 24 7.74 8.13 -13.49
N LEU A 25 7.20 9.17 -12.86
CA LEU A 25 8.05 10.14 -12.18
C LEU A 25 8.73 9.53 -10.97
N ILE A 26 8.01 8.68 -10.22
CA ILE A 26 8.55 8.15 -8.97
C ILE A 26 9.63 7.10 -9.26
N ILE A 27 9.35 6.18 -10.19
CA ILE A 27 10.30 5.11 -10.47
C ILE A 27 11.59 5.66 -11.05
N ASN A 28 11.50 6.61 -11.97
CA ASN A 28 12.63 7.00 -12.81
C ASN A 28 13.50 8.09 -12.19
N THR A 29 12.96 8.92 -11.30
CA THR A 29 13.73 10.02 -10.74
C THR A 29 14.63 9.53 -9.62
N PHE A 30 15.89 9.96 -9.65
CA PHE A 30 16.82 9.67 -8.57
C PHE A 30 16.37 10.39 -7.32
N TYR A 31 16.23 9.64 -6.22
CA TYR A 31 15.78 10.21 -4.95
C TYR A 31 16.19 9.21 -3.87
N SER A 32 17.25 9.54 -3.14
CA SER A 32 17.86 8.55 -2.26
C SER A 32 17.00 8.22 -1.06
N ASN A 33 16.12 9.13 -0.64
CA ASN A 33 15.30 8.91 0.55
C ASN A 33 14.13 7.97 0.23
N LYS A 34 14.50 6.74 -0.12
CA LYS A 34 13.52 5.74 -0.53
C LYS A 34 12.72 5.18 0.64
N GLU A 35 13.23 5.29 1.86
CA GLU A 35 12.65 4.60 3.00
C GLU A 35 11.26 5.13 3.37
N ILE A 36 10.89 6.32 2.90
CA ILE A 36 9.58 6.90 3.21
C ILE A 36 8.43 6.06 2.65
N PHE A 37 8.72 5.09 1.77
CA PHE A 37 7.68 4.23 1.25
C PHE A 37 7.01 3.43 2.36
N LEU A 38 7.79 3.02 3.37
CA LEU A 38 7.22 2.26 4.47
C LEU A 38 6.34 3.13 5.36
N ARG A 39 6.78 4.36 5.65
CA ARG A 39 5.95 5.27 6.43
C ARG A 39 4.61 5.53 5.75
N GLU A 40 4.60 5.61 4.42
CA GLU A 40 3.35 5.85 3.71
C GLU A 40 2.48 4.60 3.67
N LEU A 41 3.08 3.42 3.53
CA LEU A 41 2.28 2.20 3.49
C LEU A 41 1.67 1.89 4.85
N ILE A 42 2.42 2.07 5.93
CA ILE A 42 1.87 1.82 7.27
C ILE A 42 0.80 2.85 7.60
N SER A 43 1.00 4.10 7.17
CA SER A 43 0.01 5.14 7.43
C SER A 43 -1.31 4.82 6.75
N ASN A 44 -1.26 4.34 5.50
CA ASN A 44 -2.49 3.89 4.84
C ASN A 44 -3.09 2.67 5.53
N SER A 45 -2.25 1.83 6.12
CA SER A 45 -2.75 0.71 6.92
C SER A 45 -3.40 1.20 8.21
N SER A 46 -2.79 2.21 8.85
CA SER A 46 -3.40 2.83 10.02
C SER A 46 -4.71 3.51 9.65
N ASP A 47 -4.83 4.03 8.43
CA ASP A 47 -6.09 4.65 8.01
C ASP A 47 -7.16 3.59 7.74
N ALA A 48 -6.76 2.42 7.24
CA ALA A 48 -7.73 1.37 6.98
C ALA A 48 -8.28 0.79 8.29
N LEU A 49 -7.42 0.63 9.29
CA LEU A 49 -7.86 0.11 10.58
C LEU A 49 -8.80 1.10 11.27
N ASP A 50 -8.53 2.40 11.13
CA ASP A 50 -9.40 3.40 11.74
C ASP A 50 -10.82 3.30 11.21
N LYS A 51 -10.98 2.97 9.92
CA LYS A 51 -12.30 2.96 9.32
C LYS A 51 -13.12 1.76 9.80
N ILE A 52 -12.50 0.57 9.82
CA ILE A 52 -13.22 -0.60 10.30
C ILE A 52 -13.45 -0.51 11.80
N ARG A 53 -12.56 0.16 12.54
CA ARG A 53 -12.77 0.31 13.98
C ARG A 53 -13.94 1.23 14.27
N TYR A 54 -13.98 2.40 13.62
CA TYR A 54 -15.07 3.34 13.83
C TYR A 54 -16.40 2.72 13.41
N GLU A 55 -16.39 1.91 12.35
CA GLU A 55 -17.63 1.29 11.88
C GLU A 55 -18.15 0.25 12.86
N SER A 56 -17.25 -0.46 13.55
CA SER A 56 -17.69 -1.47 14.50
C SER A 56 -18.26 -0.87 15.79
N LEU A 57 -18.09 0.44 16.00
CA LEU A 57 -18.65 1.07 17.19
C LEU A 57 -20.17 1.13 17.14
N THR A 58 -20.74 1.18 15.93
CA THR A 58 -22.20 1.14 15.75
C THR A 58 -22.69 -0.21 15.25
N ASP A 59 -21.82 -1.01 14.62
CA ASP A 59 -22.20 -2.33 14.13
C ASP A 59 -21.08 -3.29 14.48
N PRO A 60 -21.16 -3.94 15.64
CA PRO A 60 -20.11 -4.89 16.03
C PRO A 60 -19.99 -6.09 15.10
N SER A 61 -21.01 -6.38 14.30
CA SER A 61 -20.95 -7.51 13.38
C SER A 61 -19.99 -7.27 12.23
N LYS A 62 -19.46 -6.06 12.08
CA LYS A 62 -18.47 -5.82 11.04
C LYS A 62 -17.14 -6.45 11.40
N LEU A 63 -16.85 -6.61 12.68
CA LEU A 63 -15.61 -7.26 13.11
C LEU A 63 -15.71 -8.77 13.13
N ASP A 64 -16.83 -9.34 12.67
CA ASP A 64 -16.97 -10.79 12.59
C ASP A 64 -15.93 -11.41 11.67
N SER A 65 -15.39 -10.64 10.72
CA SER A 65 -14.38 -11.12 9.79
C SER A 65 -12.97 -10.93 10.31
N GLY A 66 -12.79 -10.78 11.61
CA GLY A 66 -11.48 -10.54 12.18
C GLY A 66 -11.49 -9.45 13.21
N LYS A 67 -11.42 -9.84 14.48
CA LYS A 67 -11.49 -8.87 15.57
C LYS A 67 -10.16 -8.14 15.78
N GLU A 68 -9.04 -8.80 15.47
CA GLU A 68 -7.73 -8.22 15.73
C GLU A 68 -7.42 -7.14 14.70
N LEU A 69 -6.96 -5.99 15.20
CA LEU A 69 -6.58 -4.85 14.36
C LEU A 69 -5.09 -4.61 14.56
N HIS A 70 -4.30 -4.94 13.54
CA HIS A 70 -2.85 -4.87 13.66
C HIS A 70 -2.24 -4.68 12.29
N ILE A 71 -0.93 -4.49 12.27
CA ILE A 71 -0.14 -4.38 11.05
C ILE A 71 1.04 -5.33 11.16
N ASN A 72 1.26 -6.16 10.14
CA ASN A 72 2.39 -7.05 10.09
C ASN A 72 3.32 -6.67 8.93
N LEU A 73 4.62 -6.86 9.15
CA LEU A 73 5.63 -6.61 8.14
C LEU A 73 6.39 -7.90 7.90
N ILE A 74 6.27 -8.45 6.69
CA ILE A 74 6.82 -9.76 6.38
C ILE A 74 7.86 -9.63 5.27
N PRO A 75 9.15 -9.49 5.61
CA PRO A 75 10.19 -9.53 4.58
C PRO A 75 10.50 -10.95 4.16
N ASN A 76 10.85 -11.11 2.89
CA ASN A 76 11.14 -12.42 2.31
C ASN A 76 12.33 -12.24 1.37
N LYS A 77 13.50 -12.73 1.79
CA LYS A 77 14.70 -12.60 0.96
C LYS A 77 14.65 -13.54 -0.24
N GLN A 78 14.03 -14.71 -0.11
CA GLN A 78 13.99 -15.66 -1.21
C GLN A 78 13.12 -15.14 -2.35
N ASP A 79 11.89 -14.70 -2.03
CA ASP A 79 11.02 -14.11 -3.03
C ASP A 79 11.35 -12.66 -3.33
N ARG A 80 12.25 -12.05 -2.55
CA ARG A 80 12.62 -10.64 -2.72
C ARG A 80 11.40 -9.74 -2.59
N THR A 81 10.49 -10.09 -1.66
CA THR A 81 9.25 -9.37 -1.46
C THR A 81 9.12 -8.90 -0.03
N LEU A 82 8.81 -7.62 0.14
CA LEU A 82 8.39 -7.07 1.42
C LEU A 82 6.87 -6.99 1.42
N THR A 83 6.24 -7.61 2.42
CA THR A 83 4.79 -7.74 2.47
C THR A 83 4.25 -6.98 3.68
N ILE A 84 3.35 -6.04 3.44
CA ILE A 84 2.71 -5.26 4.49
C ILE A 84 1.24 -5.66 4.55
N VAL A 85 0.80 -6.13 5.72
CA VAL A 85 -0.56 -6.62 5.93
C VAL A 85 -1.24 -5.78 6.99
N ASP A 86 -2.53 -5.53 6.81
CA ASP A 86 -3.36 -4.97 7.87
C ASP A 86 -4.71 -5.69 7.85
N THR A 87 -5.41 -5.58 8.98
CA THR A 87 -6.74 -6.16 9.13
C THR A 87 -7.84 -5.10 9.09
N GLY A 88 -7.60 -4.03 8.31
CA GLY A 88 -8.51 -2.90 8.25
C GLY A 88 -9.73 -3.18 7.40
N ILE A 89 -10.35 -2.10 6.93
CA ILE A 89 -11.61 -2.21 6.21
C ILE A 89 -11.44 -2.90 4.86
N GLY A 90 -10.25 -2.92 4.28
CA GLY A 90 -10.08 -3.51 2.97
C GLY A 90 -10.67 -2.63 1.87
N MET A 91 -10.71 -3.19 0.66
CA MET A 91 -11.21 -2.46 -0.50
C MET A 91 -12.07 -3.37 -1.37
N THR A 92 -13.18 -2.82 -1.84
CA THR A 92 -14.06 -3.53 -2.77
C THR A 92 -13.47 -3.48 -4.18
N LYS A 93 -14.14 -4.18 -5.10
CA LYS A 93 -13.72 -4.12 -6.50
C LYS A 93 -13.94 -2.74 -7.08
N ALA A 94 -14.97 -2.02 -6.63
CA ALA A 94 -15.19 -0.65 -7.08
C ALA A 94 -14.10 0.28 -6.59
N ASP A 95 -13.44 -0.06 -5.48
CA ASP A 95 -12.31 0.74 -5.03
C ASP A 95 -11.15 0.65 -6.02
N LEU A 96 -10.84 -0.55 -6.48
CA LEU A 96 -9.78 -0.72 -7.46
C LEU A 96 -10.22 -0.11 -8.78
N ILE A 97 -11.16 -0.73 -9.47
CA ILE A 97 -11.75 -0.13 -10.67
C ILE A 97 -12.84 0.83 -10.23
N ASN A 98 -12.60 2.14 -10.40
CA ASN A 98 -13.50 3.28 -10.18
C ASN A 98 -13.17 4.03 -8.88
N ASN A 99 -13.92 3.75 -7.81
CA ASN A 99 -13.98 4.58 -6.60
C ASN A 99 -12.64 5.17 -6.16
N LEU A 100 -11.81 4.37 -5.49
CA LEU A 100 -10.51 4.87 -5.05
C LEU A 100 -9.66 5.33 -6.23
N GLY A 101 -9.91 4.79 -7.42
CA GLY A 101 -9.21 5.26 -8.61
C GLY A 101 -9.38 6.74 -8.85
N THR A 102 -10.62 7.25 -8.69
CA THR A 102 -10.88 8.66 -8.91
C THR A 102 -10.41 9.55 -7.76
N ILE A 103 -10.07 8.98 -6.61
CA ILE A 103 -9.54 9.77 -5.50
C ILE A 103 -8.03 9.68 -5.54
N ALA A 104 -7.44 10.28 -6.56
CA ALA A 104 -5.98 10.36 -6.69
C ALA A 104 -5.61 11.30 -7.82
N LYS A 105 -6.48 11.39 -8.84
CA LYS A 105 -6.27 12.34 -9.93
C LYS A 105 -6.02 13.73 -9.40
N SER A 106 -6.89 14.19 -8.49
CA SER A 106 -6.69 15.50 -7.88
C SER A 106 -5.43 15.54 -7.04
N GLY A 107 -5.20 14.49 -6.25
CA GLY A 107 -4.00 14.46 -5.42
C GLY A 107 -2.73 14.36 -6.24
N THR A 108 -2.78 13.62 -7.35
CA THR A 108 -1.61 13.48 -8.21
C THR A 108 -1.25 14.81 -8.87
N LYS A 109 -2.24 15.50 -9.43
CA LYS A 109 -1.99 16.78 -10.08
C LYS A 109 -1.37 17.78 -9.11
N ALA A 110 -1.96 17.92 -7.92
CA ALA A 110 -1.45 18.88 -6.95
C ALA A 110 -0.04 18.53 -6.51
N PHE A 111 0.30 17.24 -6.49
CA PHE A 111 1.62 16.81 -6.03
C PHE A 111 2.71 17.19 -7.04
N MET A 112 2.46 16.92 -8.33
CA MET A 112 3.48 17.25 -9.32
C MET A 112 3.64 18.76 -9.48
N GLU A 113 2.57 19.52 -9.28
CA GLU A 113 2.68 20.98 -9.30
C GLU A 113 3.60 21.45 -8.19
N ALA A 114 3.39 20.95 -6.97
CA ALA A 114 4.24 21.31 -5.85
C ALA A 114 5.67 20.81 -6.03
N LEU A 115 5.84 19.70 -6.77
CA LEU A 115 7.18 19.16 -6.98
C LEU A 115 8.05 20.12 -7.78
N GLN A 116 7.45 20.92 -8.66
CA GLN A 116 8.19 21.94 -9.39
C GLN A 116 8.22 23.27 -8.67
N ALA A 117 7.45 23.43 -7.58
CA ALA A 117 7.43 24.65 -6.79
C ALA A 117 8.12 24.45 -5.44
N GLY A 118 9.13 23.58 -5.40
CA GLY A 118 9.92 23.40 -4.20
C GLY A 118 9.79 22.04 -3.53
N ALA A 119 8.57 21.51 -3.47
CA ALA A 119 8.31 20.31 -2.70
C ALA A 119 9.07 19.11 -3.28
N ASP A 120 9.34 18.14 -2.42
CA ASP A 120 10.03 16.90 -2.79
C ASP A 120 9.12 15.71 -2.52
N ILE A 121 9.62 14.52 -2.88
CA ILE A 121 8.78 13.32 -2.89
C ILE A 121 8.32 12.95 -1.50
N SER A 122 9.11 13.25 -0.46
CA SER A 122 8.78 12.84 0.89
C SER A 122 7.49 13.47 1.41
N MET A 123 6.91 14.42 0.68
CA MET A 123 5.66 15.06 1.07
C MET A 123 4.46 14.47 0.34
N ILE A 124 4.62 13.28 -0.27
CA ILE A 124 3.55 12.68 -1.04
C ILE A 124 2.33 12.33 -0.18
N GLY A 125 2.54 12.13 1.13
CA GLY A 125 1.42 11.83 2.00
C GLY A 125 0.44 12.98 2.14
N GLN A 126 0.95 14.21 2.12
CA GLN A 126 0.09 15.39 2.25
C GLN A 126 -0.89 15.54 1.10
N PHE A 127 -0.78 14.73 0.06
CA PHE A 127 -1.68 14.77 -1.08
C PHE A 127 -2.54 13.52 -1.19
N GLY A 128 -2.44 12.60 -0.24
CA GLY A 128 -3.29 11.43 -0.22
C GLY A 128 -2.98 10.39 -1.26
N VAL A 129 -1.76 10.39 -1.81
CA VAL A 129 -1.38 9.43 -2.85
C VAL A 129 -0.06 8.80 -2.49
N GLY A 130 0.16 8.52 -1.19
CA GLY A 130 1.42 7.99 -0.74
C GLY A 130 1.68 6.55 -1.15
N PHE A 131 0.66 5.84 -1.63
CA PHE A 131 0.85 4.44 -2.01
C PHE A 131 1.87 4.30 -3.13
N TYR A 132 1.82 5.21 -4.12
CA TYR A 132 2.70 5.10 -5.28
C TYR A 132 4.17 5.28 -4.93
N SER A 133 4.48 5.73 -3.71
CA SER A 133 5.86 5.69 -3.23
C SER A 133 6.37 4.26 -3.08
N ALA A 134 5.48 3.27 -3.08
CA ALA A 134 5.92 1.88 -3.06
C ALA A 134 6.75 1.54 -4.29
N TYR A 135 6.52 2.24 -5.40
CA TYR A 135 7.28 2.02 -6.62
C TYR A 135 8.66 2.66 -6.59
N LEU A 136 8.97 3.43 -5.55
CA LEU A 136 10.37 3.80 -5.31
C LEU A 136 11.22 2.55 -5.16
N VAL A 137 10.79 1.63 -4.28
CA VAL A 137 11.57 0.44 -3.98
C VAL A 137 11.11 -0.79 -4.77
N ALA A 138 9.85 -0.82 -5.24
CA ALA A 138 9.29 -2.00 -5.87
C ALA A 138 9.21 -1.82 -7.38
N GLU A 139 9.57 -2.87 -8.10
CA GLU A 139 9.35 -2.95 -9.55
C GLU A 139 7.96 -3.46 -9.89
N LYS A 140 7.25 -4.02 -8.92
CA LYS A 140 5.91 -4.56 -9.11
C LYS A 140 5.27 -4.71 -7.74
N VAL A 141 4.01 -4.31 -7.65
CA VAL A 141 3.25 -4.37 -6.41
C VAL A 141 1.99 -5.19 -6.66
N THR A 142 1.88 -6.32 -5.97
CA THR A 142 0.64 -7.08 -5.93
C THR A 142 -0.08 -6.75 -4.62
N VAL A 143 -1.37 -6.45 -4.70
CA VAL A 143 -2.18 -6.09 -3.55
C VAL A 143 -3.33 -7.08 -3.46
N ILE A 144 -3.45 -7.72 -2.29
CA ILE A 144 -4.57 -8.60 -1.98
C ILE A 144 -5.43 -7.91 -0.93
N THR A 145 -6.70 -7.69 -1.25
CA THR A 145 -7.59 -6.95 -0.36
C THR A 145 -8.89 -7.73 -0.16
N LYS A 146 -9.60 -7.37 0.91
CA LYS A 146 -10.82 -8.06 1.30
C LYS A 146 -11.69 -7.11 2.10
N HIS A 147 -12.88 -6.81 1.57
CA HIS A 147 -13.85 -5.93 2.21
C HIS A 147 -15.06 -6.78 2.60
N ASN A 148 -15.74 -6.38 3.68
CA ASN A 148 -16.88 -7.17 4.16
C ASN A 148 -17.99 -7.28 3.13
N ASP A 149 -18.06 -6.35 2.18
CA ASP A 149 -19.17 -6.28 1.24
C ASP A 149 -18.80 -6.74 -0.16
N ASP A 150 -17.63 -7.36 -0.33
CA ASP A 150 -17.19 -7.81 -1.64
C ASP A 150 -16.35 -9.07 -1.48
N GLU A 151 -16.03 -9.69 -2.61
CA GLU A 151 -15.18 -10.87 -2.61
C GLU A 151 -13.71 -10.45 -2.49
N GLN A 152 -12.83 -11.44 -2.44
CA GLN A 152 -11.40 -11.18 -2.40
C GLN A 152 -10.87 -10.91 -3.80
N TYR A 153 -10.02 -9.90 -3.93
CA TYR A 153 -9.49 -9.49 -5.21
C TYR A 153 -7.98 -9.26 -5.11
N ALA A 154 -7.30 -9.48 -6.23
CA ALA A 154 -5.87 -9.24 -6.35
C ALA A 154 -5.65 -8.09 -7.32
N TRP A 155 -4.94 -7.07 -6.85
CA TRP A 155 -4.53 -5.93 -7.66
C TRP A 155 -3.02 -6.02 -7.89
N GLU A 156 -2.59 -5.61 -9.07
CA GLU A 156 -1.19 -5.80 -9.44
C GLU A 156 -0.84 -4.81 -10.54
N SER A 157 0.37 -4.26 -10.46
CA SER A 157 0.84 -3.34 -11.48
C SER A 157 2.35 -3.20 -11.39
N SER A 158 3.03 -3.40 -12.52
CA SER A 158 4.43 -3.02 -12.67
C SER A 158 4.58 -1.59 -13.18
N ALA A 159 3.61 -0.73 -12.88
CA ALA A 159 3.47 0.60 -13.49
C ALA A 159 3.35 0.37 -15.01
N GLY A 160 4.02 1.17 -15.83
CA GLY A 160 3.86 1.02 -17.26
C GLY A 160 2.49 1.42 -17.78
N GLY A 161 1.72 2.15 -16.99
CA GLY A 161 0.47 2.73 -17.43
C GLY A 161 -0.76 1.86 -17.30
N SER A 162 -0.63 0.64 -16.79
CA SER A 162 -1.78 -0.25 -16.68
C SER A 162 -1.70 -1.05 -15.39
N PHE A 163 -2.82 -1.68 -15.04
CA PHE A 163 -2.89 -2.55 -13.88
C PHE A 163 -3.88 -3.68 -14.19
N THR A 164 -3.84 -4.71 -13.36
CA THR A 164 -4.76 -5.83 -13.46
C THR A 164 -5.57 -5.96 -12.18
N VAL A 165 -6.76 -6.54 -12.31
CA VAL A 165 -7.59 -6.91 -11.19
C VAL A 165 -8.21 -8.27 -11.51
N ARG A 166 -8.05 -9.22 -10.59
CA ARG A 166 -8.64 -10.53 -10.75
C ARG A 166 -9.25 -10.96 -9.42
N THR A 167 -10.27 -11.81 -9.49
CA THR A 167 -10.79 -12.44 -8.29
C THR A 167 -9.74 -13.38 -7.73
N ASP A 168 -9.36 -13.17 -6.48
CA ASP A 168 -8.27 -13.94 -5.89
C ASP A 168 -8.70 -15.38 -5.65
N THR A 169 -7.74 -16.28 -5.81
CA THR A 169 -7.93 -17.70 -5.53
C THR A 169 -7.08 -18.22 -4.38
N GLY A 170 -6.21 -17.39 -3.82
CA GLY A 170 -5.28 -17.81 -2.78
C GLY A 170 -5.93 -18.04 -1.43
N GLU A 171 -5.14 -17.94 -0.36
CA GLU A 171 -5.63 -18.21 0.98
C GLU A 171 -6.63 -17.13 1.38
N PRO A 172 -7.82 -17.51 1.85
CA PRO A 172 -8.82 -16.51 2.24
C PRO A 172 -8.30 -15.59 3.34
N MET A 173 -8.82 -14.38 3.37
CA MET A 173 -8.29 -13.30 4.20
C MET A 173 -9.19 -12.92 5.36
N GLY A 174 -10.50 -13.13 5.25
CA GLY A 174 -11.42 -12.58 6.23
C GLY A 174 -11.68 -11.12 5.97
N ARG A 175 -10.67 -10.28 6.19
CA ARG A 175 -10.78 -8.84 6.04
C ARG A 175 -9.39 -8.23 6.14
N GLY A 176 -9.18 -7.13 5.42
CA GLY A 176 -7.93 -6.41 5.44
C GLY A 176 -7.29 -6.34 4.07
N THR A 177 -6.03 -5.90 4.05
CA THR A 177 -5.31 -5.65 2.81
C THR A 177 -3.85 -6.06 2.97
N LYS A 178 -3.34 -6.82 2.01
CA LYS A 178 -1.95 -7.21 1.95
C LYS A 178 -1.29 -6.55 0.75
N VAL A 179 -0.18 -5.86 0.97
CA VAL A 179 0.55 -5.17 -0.09
C VAL A 179 1.88 -5.87 -0.26
N ILE A 180 2.04 -6.60 -1.36
CA ILE A 180 3.26 -7.32 -1.66
C ILE A 180 4.13 -6.44 -2.56
N LEU A 181 5.35 -6.16 -2.11
CA LEU A 181 6.29 -5.32 -2.83
C LEU A 181 7.37 -6.21 -3.43
N HIS A 182 7.27 -6.47 -4.73
CA HIS A 182 8.35 -7.13 -5.45
C HIS A 182 9.47 -6.14 -5.64
N LEU A 183 10.50 -6.25 -4.81
CA LEU A 183 11.52 -5.22 -4.67
C LEU A 183 12.48 -5.22 -5.86
N LYS A 184 13.08 -4.06 -6.11
CA LYS A 184 14.16 -3.96 -7.07
C LYS A 184 15.41 -4.66 -6.54
N GLU A 185 16.30 -5.04 -7.46
CA GLU A 185 17.54 -5.69 -7.06
C GLU A 185 18.39 -4.79 -6.19
N ASP A 186 18.31 -3.47 -6.38
CA ASP A 186 19.08 -2.51 -5.62
C ASP A 186 18.38 -2.07 -4.34
N GLN A 187 17.26 -2.70 -3.99
CA GLN A 187 16.45 -2.29 -2.85
C GLN A 187 16.28 -3.38 -1.80
N THR A 188 17.20 -4.36 -1.78
CA THR A 188 17.08 -5.48 -0.86
C THR A 188 17.39 -5.11 0.59
N GLU A 189 17.80 -3.87 0.87
CA GLU A 189 18.06 -3.47 2.25
C GLU A 189 16.78 -3.43 3.08
N TYR A 190 15.63 -3.28 2.44
CA TYR A 190 14.36 -3.22 3.16
C TYR A 190 13.80 -4.60 3.49
N LEU A 191 14.56 -5.66 3.20
CA LEU A 191 14.27 -6.98 3.73
C LEU A 191 15.09 -7.30 4.97
N GLU A 192 16.04 -6.44 5.33
CA GLU A 192 16.83 -6.63 6.53
C GLU A 192 16.05 -6.19 7.76
N GLU A 193 16.28 -6.90 8.87
CA GLU A 193 15.51 -6.68 10.09
C GLU A 193 15.87 -5.35 10.74
N ARG A 194 17.16 -5.14 11.02
CA ARG A 194 17.59 -3.90 11.66
C ARG A 194 17.29 -2.68 10.79
N ARG A 195 17.17 -2.85 9.47
CA ARG A 195 16.79 -1.75 8.61
C ARG A 195 15.30 -1.45 8.71
N ILE A 196 14.46 -2.50 8.74
CA ILE A 196 13.02 -2.30 8.89
C ILE A 196 12.70 -1.69 10.25
N LYS A 197 13.36 -2.18 11.31
CA LYS A 197 13.07 -1.67 12.65
C LYS A 197 13.45 -0.20 12.80
N GLU A 198 14.50 0.24 12.08
CA GLU A 198 14.92 1.62 12.21
C GLU A 198 13.95 2.57 11.54
N ILE A 199 13.40 2.17 10.38
CA ILE A 199 12.44 3.03 9.69
C ILE A 199 11.13 3.10 10.47
N VAL A 200 10.69 1.97 11.04
CA VAL A 200 9.45 1.96 11.80
C VAL A 200 9.56 2.82 13.06
N LYS A 201 10.69 2.73 13.76
CA LYS A 201 10.91 3.58 14.92
C LYS A 201 11.07 5.04 14.54
N LYS A 202 11.68 5.31 13.39
CA LYS A 202 11.92 6.70 12.98
C LYS A 202 10.63 7.37 12.50
N HIS A 203 9.85 6.67 11.69
CA HIS A 203 8.74 7.28 10.96
C HIS A 203 7.36 6.93 11.51
N SER A 204 7.17 5.74 12.05
CA SER A 204 5.85 5.28 12.46
C SER A 204 5.85 4.81 13.91
N GLN A 205 6.48 5.59 14.80
CA GLN A 205 6.52 5.22 16.21
C GLN A 205 5.24 5.59 16.95
N PHE A 206 4.42 6.47 16.38
CA PHE A 206 3.20 6.94 17.04
C PHE A 206 1.94 6.41 16.36
N ILE A 207 2.01 5.20 15.82
CA ILE A 207 0.87 4.54 15.20
C ILE A 207 0.08 3.80 16.29
N GLY A 208 -1.23 4.01 16.30
CA GLY A 208 -2.06 3.45 17.35
C GLY A 208 -2.44 1.99 17.16
N TYR A 209 -1.69 1.26 16.35
CA TYR A 209 -1.91 -0.15 16.13
C TYR A 209 -0.58 -0.89 16.20
N PRO A 210 -0.59 -2.13 16.71
CA PRO A 210 0.67 -2.86 16.86
C PRO A 210 1.25 -3.27 15.51
N ILE A 211 2.50 -2.90 15.28
CA ILE A 211 3.21 -3.22 14.05
C ILE A 211 4.18 -4.36 14.39
N THR A 212 3.78 -5.59 14.06
CA THR A 212 4.62 -6.75 14.31
C THR A 212 5.54 -6.98 13.13
N LEU A 213 6.84 -7.13 13.41
CA LEU A 213 7.84 -7.43 12.39
C LEU A 213 8.13 -8.92 12.42
N PHE A 214 7.70 -9.62 11.38
CA PHE A 214 7.96 -11.05 11.28
C PHE A 214 9.43 -11.28 10.94
N VAL A 215 10.07 -12.22 11.65
CA VAL A 215 11.47 -12.54 11.46
C VAL A 215 11.58 -13.82 10.64
N GLU A 216 12.54 -13.86 9.73
CA GLU A 216 12.75 -15.03 8.89
C GLU A 216 13.57 -16.09 9.64
N LYS A 217 13.30 -17.35 9.33
CA LYS A 217 13.98 -18.46 9.98
C LYS A 217 15.16 -18.95 9.13
C10 A1AYE B . -4.88 3.84 -7.87
C11 A1AYE B . -5.74 3.87 -8.95
C12 A1AYE B . -6.37 2.70 -9.34
C1 A1AYE B . -6.86 0.24 -9.11
C2 A1AYE B . -6.16 1.50 -8.68
C3 A1AYE B . -5.28 1.50 -7.59
C4 A1AYE B . -4.66 2.66 -7.20
C5 A1AYE B . -3.69 1.91 -5.01
C6 A1AYE B . -3.89 2.53 -3.79
C7 A1AYE B . -3.81 1.77 -2.66
C8 A1AYE B . -3.54 0.40 -2.77
C9 A1AYE B . -3.34 -0.12 -4.06
N1 A1AYE B . -3.44 -0.41 -1.66
N2 A1AYE B . -3.41 0.63 -5.17
O1 A1AYE B . -3.75 2.73 -6.12
CL1 A1AYE B . -7.45 2.77 -10.71
#